data_2PJO
#
_entry.id   2PJO
#
_cell.length_a   67.730
_cell.length_b   67.730
_cell.length_c   140.770
_cell.angle_alpha   90.00
_cell.angle_beta   90.00
_cell.angle_gamma   90.00
#
_symmetry.space_group_name_H-M   'P 41 21 2'
#
loop_
_entity.id
_entity.type
_entity.pdbx_description
1 polymer 'Ricin (EC 3.2.2.22)'
2 non-polymer 'SULFATE ION'
3 non-polymer N-METHYLUREA
4 water water
#
_entity_poly.entity_id   1
_entity_poly.type   'polypeptide(L)'
_entity_poly.pdbx_seq_one_letter_code
;MIFPKQYPIINFTTAGATVQSYTNFIRAVRGRLTTGADVRHEIPVLPNRVGLPINQRFILVELSNHAELSVTLALDVTNA
YVVGYRAGNSAYFFHPDNQEDAEAITHLFTDVQNRYTFAFGGNYDRLEQLAGNLRENIELGNGPLEEAISALYYYSTGGT
QLPTLARSFIICIQMISEAARFQYIEGEMRTRIRYNRRSAPDPSVITLENSWGRLSTAIQESNQGAFASPIQLQRRNGSK
FSVYDVSILIPIIALMVYRCAPPPSSQF
;
_entity_poly.pdbx_strand_id   A
#
loop_
_chem_comp.id
_chem_comp.type
_chem_comp.name
_chem_comp.formula
NMU non-polymer N-METHYLUREA 'C2 H6 N2 O'
SO4 non-polymer 'SULFATE ION' 'O4 S -2'
#
# COMPACT_ATOMS: atom_id res chain seq x y z
N TYR A 7 10.84 -13.59 6.74
CA TYR A 7 10.49 -12.14 6.86
C TYR A 7 9.40 -11.92 7.91
N PRO A 8 9.38 -10.72 8.50
CA PRO A 8 8.37 -10.39 9.52
C PRO A 8 6.96 -10.52 8.96
N ILE A 9 6.04 -11.02 9.77
CA ILE A 9 4.66 -11.19 9.34
C ILE A 9 3.72 -10.41 10.25
N ILE A 10 2.80 -9.66 9.64
CA ILE A 10 1.79 -8.89 10.37
C ILE A 10 0.43 -9.47 9.99
N ASN A 11 -0.40 -9.76 10.99
CA ASN A 11 -1.72 -10.33 10.73
C ASN A 11 -2.87 -9.35 10.93
N PHE A 12 -3.93 -9.54 10.15
CA PHE A 12 -5.14 -8.71 10.25
C PHE A 12 -6.30 -9.53 9.69
N THR A 13 -7.46 -9.39 10.30
CA THR A 13 -8.63 -10.10 9.81
C THR A 13 -9.78 -9.12 9.69
N THR A 14 -10.59 -9.28 8.66
CA THR A 14 -11.75 -8.45 8.43
C THR A 14 -12.88 -8.94 9.34
N ALA A 15 -12.75 -10.16 9.85
CA ALA A 15 -13.76 -10.73 10.72
C ALA A 15 -13.84 -9.96 12.03
N GLY A 16 -14.95 -9.27 12.25
CA GLY A 16 -15.11 -8.49 13.47
C GLY A 16 -14.16 -7.31 13.59
N ALA A 17 -13.64 -6.83 12.47
CA ALA A 17 -12.72 -5.71 12.49
C ALA A 17 -13.36 -4.47 13.11
N THR A 18 -12.55 -3.73 13.87
CA THR A 18 -13.00 -2.49 14.51
C THR A 18 -11.98 -1.41 14.20
N VAL A 19 -12.30 -0.16 14.50
CA VAL A 19 -11.37 0.92 14.26
C VAL A 19 -10.06 0.63 14.99
N GLN A 20 -10.15 0.13 16.22
CA GLN A 20 -8.96 -0.16 17.00
C GLN A 20 -8.12 -1.30 16.44
N SER A 21 -8.75 -2.39 16.01
CA SER A 21 -7.95 -3.50 15.48
C SER A 21 -7.29 -3.08 14.17
N TYR A 22 -7.98 -2.27 13.38
CA TYR A 22 -7.41 -1.81 12.11
C TYR A 22 -6.26 -0.86 12.39
N THR A 23 -6.45 0.03 13.36
CA THR A 23 -5.41 1.00 13.74
C THR A 23 -4.16 0.29 14.25
N ASN A 24 -4.35 -0.74 15.07
CA ASN A 24 -3.21 -1.49 15.60
C ASN A 24 -2.45 -2.17 14.47
N PHE A 25 -3.20 -2.70 13.51
CA PHE A 25 -2.62 -3.38 12.34
C PHE A 25 -1.75 -2.42 11.52
N ILE A 26 -2.32 -1.28 11.15
CA ILE A 26 -1.57 -0.30 10.36
C ILE A 26 -0.33 0.19 11.10
N ARG A 27 -0.46 0.40 12.42
CA ARG A 27 0.67 0.85 13.21
C ARG A 27 1.78 -0.20 13.15
N ALA A 28 1.38 -1.47 13.20
CA ALA A 28 2.32 -2.58 13.16
C ALA A 28 3.02 -2.65 11.81
N VAL A 29 2.27 -2.41 10.74
CA VAL A 29 2.84 -2.43 9.40
C VAL A 29 3.89 -1.33 9.29
N ARG A 30 3.56 -0.13 9.77
CA ARG A 30 4.51 0.98 9.71
C ARG A 30 5.77 0.67 10.49
N GLY A 31 5.61 0.02 11.64
CA GLY A 31 6.75 -0.31 12.49
C GLY A 31 7.71 -1.29 11.84
N ARG A 32 7.19 -2.15 10.97
CA ARG A 32 8.02 -3.13 10.27
C ARG A 32 8.57 -2.57 8.96
N LEU A 33 7.91 -1.54 8.43
CA LEU A 33 8.35 -0.92 7.19
C LEU A 33 9.56 -0.01 7.41
N THR A 34 9.53 0.77 8.49
CA THR A 34 10.63 1.70 8.81
C THR A 34 11.43 1.22 10.01
N THR A 35 12.62 1.78 10.19
CA THR A 35 13.49 1.38 11.28
C THR A 35 13.64 2.45 12.36
N GLY A 36 13.32 3.69 12.03
CA GLY A 36 13.44 4.77 13.00
C GLY A 36 14.78 5.48 12.84
N ALA A 37 15.55 5.03 11.86
CA ALA A 37 16.86 5.61 11.59
C ALA A 37 16.75 6.88 10.74
N ASP A 38 15.65 7.01 10.02
CA ASP A 38 15.46 8.14 9.13
C ASP A 38 14.11 8.83 9.35
N VAL A 39 14.16 10.03 9.92
CA VAL A 39 12.96 10.82 10.17
C VAL A 39 13.30 12.26 9.78
N ARG A 40 12.47 12.87 8.94
CA ARG A 40 12.71 14.24 8.52
C ARG A 40 11.47 15.09 8.69
N HIS A 41 11.61 16.16 9.47
CA HIS A 41 10.49 17.04 9.74
C HIS A 41 9.40 16.23 10.39
N GLU A 42 9.82 15.30 11.24
CA GLU A 42 8.95 14.41 11.99
C GLU A 42 8.28 13.32 11.17
N ILE A 43 8.66 13.20 9.90
CA ILE A 43 8.08 12.18 9.03
C ILE A 43 9.07 11.07 8.72
N PRO A 44 8.76 9.84 9.14
CA PRO A 44 9.66 8.70 8.88
C PRO A 44 9.87 8.44 7.39
N VAL A 45 11.08 7.98 7.06
CA VAL A 45 11.42 7.65 5.68
C VAL A 45 11.71 6.16 5.59
N LEU A 46 11.27 5.55 4.50
CA LEU A 46 11.49 4.13 4.27
C LEU A 46 12.97 3.87 4.01
N PRO A 47 13.43 2.64 4.24
CA PRO A 47 14.84 2.27 4.02
C PRO A 47 15.28 2.56 2.59
N ASN A 48 16.52 3.02 2.45
CA ASN A 48 17.09 3.29 1.12
C ASN A 48 17.31 1.94 0.44
N ARG A 49 16.85 1.80 -0.79
CA ARG A 49 17.01 0.54 -1.50
C ARG A 49 18.47 0.21 -1.78
N VAL A 50 19.29 1.24 -1.99
CA VAL A 50 20.70 1.04 -2.29
C VAL A 50 21.44 0.46 -1.08
N GLY A 51 22.00 -0.74 -1.27
CA GLY A 51 22.74 -1.39 -0.20
C GLY A 51 21.91 -2.14 0.82
N LEU A 52 20.59 -2.18 0.63
CA LEU A 52 19.72 -2.88 1.56
C LEU A 52 19.84 -4.39 1.40
N PRO A 53 20.25 -5.10 2.46
CA PRO A 53 20.39 -6.57 2.40
C PRO A 53 19.06 -7.22 2.07
N ILE A 54 19.10 -8.28 1.26
CA ILE A 54 17.88 -8.98 0.85
C ILE A 54 17.08 -9.54 2.04
N ASN A 55 17.76 -9.87 3.13
CA ASN A 55 17.06 -10.42 4.30
C ASN A 55 16.24 -9.38 5.06
N GLN A 56 16.25 -8.15 4.58
CA GLN A 56 15.49 -7.06 5.21
C GLN A 56 14.65 -6.33 4.17
N ARG A 57 14.52 -6.93 3.00
CA ARG A 57 13.79 -6.31 1.90
C ARG A 57 12.27 -6.36 1.92
N PHE A 58 11.69 -7.39 2.55
CA PHE A 58 10.24 -7.53 2.55
C PHE A 58 9.60 -7.76 3.92
N ILE A 59 8.29 -7.57 3.96
CA ILE A 59 7.49 -7.87 5.15
C ILE A 59 6.27 -8.57 4.58
N LEU A 60 5.65 -9.42 5.39
CA LEU A 60 4.49 -10.15 4.93
C LEU A 60 3.26 -9.73 5.71
N VAL A 61 2.15 -9.56 4.99
CA VAL A 61 0.89 -9.18 5.60
C VAL A 61 -0.10 -10.31 5.35
N GLU A 62 -0.45 -11.05 6.39
CA GLU A 62 -1.39 -12.15 6.26
C GLU A 62 -2.80 -11.67 6.57
N LEU A 63 -3.68 -11.76 5.57
CA LEU A 63 -5.05 -11.32 5.71
C LEU A 63 -5.99 -12.51 5.80
N SER A 64 -6.92 -12.45 6.76
CA SER A 64 -7.90 -13.51 6.93
C SER A 64 -9.27 -12.85 6.93
N ASN A 65 -10.30 -13.61 6.57
CA ASN A 65 -11.64 -13.03 6.59
C ASN A 65 -12.61 -13.94 7.34
N HIS A 66 -13.87 -13.50 7.42
CA HIS A 66 -14.90 -14.25 8.12
C HIS A 66 -15.12 -15.63 7.50
N ALA A 67 -14.85 -15.74 6.20
CA ALA A 67 -15.01 -17.01 5.51
C ALA A 67 -13.89 -17.99 5.84
N GLU A 68 -13.06 -17.64 6.83
CA GLU A 68 -11.96 -18.49 7.26
C GLU A 68 -10.95 -18.76 6.13
N LEU A 69 -10.75 -17.78 5.28
CA LEU A 69 -9.79 -17.88 4.18
C LEU A 69 -8.66 -16.91 4.48
N SER A 70 -7.46 -17.27 4.07
CA SER A 70 -6.30 -16.42 4.30
C SER A 70 -5.42 -16.30 3.06
N VAL A 71 -4.81 -15.14 2.90
CA VAL A 71 -3.89 -14.88 1.80
C VAL A 71 -2.78 -14.04 2.43
N THR A 72 -1.56 -14.15 1.91
CA THR A 72 -0.45 -13.39 2.45
C THR A 72 0.15 -12.50 1.39
N LEU A 73 0.14 -11.20 1.64
CA LEU A 73 0.70 -10.24 0.71
C LEU A 73 2.16 -10.00 1.07
N ALA A 74 2.98 -9.75 0.07
CA ALA A 74 4.39 -9.46 0.30
C ALA A 74 4.59 -8.00 -0.07
N LEU A 75 5.15 -7.21 0.84
CA LEU A 75 5.39 -5.80 0.59
C LEU A 75 6.88 -5.51 0.59
N ASP A 76 7.29 -4.65 -0.33
CA ASP A 76 8.67 -4.20 -0.47
C ASP A 76 8.82 -3.05 0.53
N VAL A 77 9.76 -3.18 1.47
CA VAL A 77 9.93 -2.14 2.47
C VAL A 77 10.45 -0.81 1.93
N THR A 78 11.09 -0.81 0.77
CA THR A 78 11.61 0.44 0.23
C THR A 78 10.55 1.37 -0.37
N ASN A 79 9.36 0.83 -0.69
CA ASN A 79 8.31 1.65 -1.28
C ASN A 79 6.89 1.27 -0.86
N ALA A 80 6.78 0.24 -0.02
CA ALA A 80 5.48 -0.26 0.45
C ALA A 80 4.62 -0.85 -0.67
N TYR A 81 5.24 -1.15 -1.80
CA TYR A 81 4.50 -1.74 -2.91
C TYR A 81 4.17 -3.20 -2.61
N VAL A 82 2.98 -3.63 -3.00
CA VAL A 82 2.59 -5.03 -2.84
C VAL A 82 3.20 -5.67 -4.09
N VAL A 83 4.12 -6.61 -3.90
CA VAL A 83 4.80 -7.23 -5.02
C VAL A 83 4.23 -8.58 -5.43
N GLY A 84 3.37 -9.13 -4.60
CA GLY A 84 2.77 -10.42 -4.91
C GLY A 84 2.05 -11.00 -3.72
N TYR A 85 1.53 -12.21 -3.86
CA TYR A 85 0.83 -12.82 -2.74
C TYR A 85 0.82 -14.34 -2.81
N ARG A 86 0.50 -14.95 -1.68
CA ARG A 86 0.43 -16.40 -1.58
C ARG A 86 -0.95 -16.81 -1.06
N ALA A 87 -1.50 -17.85 -1.67
CA ALA A 87 -2.78 -18.40 -1.27
C ALA A 87 -2.61 -19.91 -1.36
N GLY A 88 -2.54 -20.57 -0.21
CA GLY A 88 -2.36 -22.01 -0.22
C GLY A 88 -1.03 -22.42 -0.83
N ASN A 89 -1.08 -23.34 -1.80
CA ASN A 89 0.13 -23.85 -2.45
C ASN A 89 0.54 -23.07 -3.70
N SER A 90 0.05 -21.84 -3.85
CA SER A 90 0.40 -21.04 -5.02
C SER A 90 0.74 -19.60 -4.66
N ALA A 91 1.70 -19.03 -5.38
CA ALA A 91 2.12 -17.65 -5.17
C ALA A 91 2.16 -16.93 -6.52
N TYR A 92 1.74 -15.67 -6.52
CA TYR A 92 1.74 -14.87 -7.75
C TYR A 92 2.47 -13.56 -7.54
N PHE A 93 3.32 -13.21 -8.49
CA PHE A 93 4.09 -11.98 -8.40
C PHE A 93 3.83 -11.07 -9.59
N PHE A 94 3.79 -9.76 -9.35
CA PHE A 94 3.58 -8.82 -10.43
C PHE A 94 4.88 -8.83 -11.23
N HIS A 95 4.79 -8.46 -12.50
CA HIS A 95 5.95 -8.43 -13.38
C HIS A 95 7.02 -7.46 -12.83
N PRO A 96 8.23 -7.98 -12.57
CA PRO A 96 9.34 -7.17 -12.05
C PRO A 96 9.74 -6.05 -13.01
N ASP A 97 10.06 -4.89 -12.46
CA ASP A 97 10.43 -3.73 -13.27
C ASP A 97 11.91 -3.71 -13.66
N ASN A 98 12.71 -4.56 -13.02
CA ASN A 98 14.13 -4.65 -13.32
C ASN A 98 14.73 -5.95 -12.83
N GLN A 99 15.98 -6.21 -13.21
CA GLN A 99 16.65 -7.44 -12.83
C GLN A 99 16.83 -7.59 -11.32
N GLU A 100 17.14 -6.48 -10.64
CA GLU A 100 17.32 -6.52 -9.19
C GLU A 100 16.05 -7.00 -8.50
N ASP A 101 14.91 -6.46 -8.92
CA ASP A 101 13.63 -6.84 -8.34
C ASP A 101 13.26 -8.27 -8.69
N ALA A 102 13.59 -8.70 -9.89
CA ALA A 102 13.28 -10.06 -10.30
C ALA A 102 14.02 -11.06 -9.42
N GLU A 103 15.27 -10.74 -9.07
CA GLU A 103 16.05 -11.64 -8.22
C GLU A 103 15.52 -11.59 -6.79
N ALA A 104 15.16 -10.40 -6.34
CA ALA A 104 14.65 -10.22 -4.99
C ALA A 104 13.43 -11.10 -4.68
N ILE A 105 12.45 -11.13 -5.58
CA ILE A 105 11.27 -11.93 -5.30
C ILE A 105 11.48 -13.44 -5.23
N THR A 106 12.64 -13.92 -5.67
CA THR A 106 12.91 -15.35 -5.60
C THR A 106 13.14 -15.75 -4.14
N HIS A 107 13.24 -14.75 -3.27
CA HIS A 107 13.45 -14.98 -1.84
C HIS A 107 12.13 -15.02 -1.07
N LEU A 108 11.02 -14.82 -1.78
CA LEU A 108 9.71 -14.83 -1.15
C LEU A 108 8.96 -16.15 -1.39
N PHE A 109 8.22 -16.58 -0.37
CA PHE A 109 7.42 -17.80 -0.43
C PHE A 109 8.18 -18.96 -1.08
N THR A 110 9.40 -19.20 -0.61
CA THR A 110 10.25 -20.25 -1.17
C THR A 110 9.70 -21.67 -1.02
N ASP A 111 8.78 -21.86 -0.10
CA ASP A 111 8.21 -23.19 0.15
C ASP A 111 6.96 -23.52 -0.67
N VAL A 112 6.43 -22.53 -1.40
CA VAL A 112 5.24 -22.76 -2.20
C VAL A 112 5.52 -23.69 -3.38
N GLN A 113 4.61 -24.62 -3.61
CA GLN A 113 4.75 -25.58 -4.69
C GLN A 113 4.67 -24.95 -6.08
N ASN A 114 3.76 -23.98 -6.24
CA ASN A 114 3.59 -23.33 -7.53
C ASN A 114 3.85 -21.82 -7.52
N ARG A 115 4.86 -21.39 -8.27
CA ARG A 115 5.21 -19.98 -8.36
C ARG A 115 4.85 -19.45 -9.73
N TYR A 116 4.18 -18.30 -9.76
CA TYR A 116 3.78 -17.69 -11.02
C TYR A 116 4.13 -16.20 -11.02
N THR A 117 4.52 -15.69 -12.18
CA THR A 117 4.85 -14.28 -12.31
C THR A 117 3.93 -13.70 -13.39
N PHE A 118 3.06 -12.78 -13.00
CA PHE A 118 2.15 -12.14 -13.93
C PHE A 118 2.93 -11.44 -15.03
N ALA A 119 2.31 -11.34 -16.21
CA ALA A 119 2.96 -10.67 -17.33
C ALA A 119 2.70 -9.17 -17.25
N PHE A 120 1.94 -8.75 -16.25
CA PHE A 120 1.64 -7.33 -16.07
C PHE A 120 2.16 -6.80 -14.75
N GLY A 121 2.36 -5.49 -14.68
CA GLY A 121 2.85 -4.87 -13.47
C GLY A 121 1.73 -4.60 -12.48
N GLY A 122 2.09 -4.22 -11.26
CA GLY A 122 1.08 -3.96 -10.24
C GLY A 122 0.70 -2.50 -10.05
N ASN A 123 1.08 -1.64 -10.98
CA ASN A 123 0.77 -0.22 -10.89
C ASN A 123 -0.73 0.01 -11.09
N TYR A 124 -1.25 1.09 -10.50
CA TYR A 124 -2.68 1.40 -10.62
C TYR A 124 -3.18 1.50 -12.06
N ASP A 125 -2.43 2.19 -12.93
CA ASP A 125 -2.86 2.33 -14.32
C ASP A 125 -3.19 0.97 -14.93
N ARG A 126 -2.31 0.00 -14.73
CA ARG A 126 -2.50 -1.34 -15.26
C ARG A 126 -3.67 -2.07 -14.60
N LEU A 127 -3.70 -2.05 -13.28
CA LEU A 127 -4.76 -2.72 -12.53
C LEU A 127 -6.14 -2.17 -12.86
N GLU A 128 -6.25 -0.85 -13.01
CA GLU A 128 -7.54 -0.23 -13.33
C GLU A 128 -7.99 -0.69 -14.72
N GLN A 129 -7.03 -0.77 -15.64
CA GLN A 129 -7.33 -1.20 -17.00
C GLN A 129 -7.89 -2.62 -17.01
N LEU A 130 -7.26 -3.51 -16.24
CA LEU A 130 -7.68 -4.89 -16.16
C LEU A 130 -9.00 -5.03 -15.39
N ALA A 131 -9.19 -4.20 -14.37
CA ALA A 131 -10.40 -4.24 -13.56
C ALA A 131 -11.61 -3.69 -14.29
N GLY A 132 -11.36 -2.82 -15.27
CA GLY A 132 -12.44 -2.21 -16.01
C GLY A 132 -13.07 -1.07 -15.23
N ASN A 133 -12.34 -0.58 -14.22
CA ASN A 133 -12.83 0.51 -13.38
C ASN A 133 -11.67 1.30 -12.79
N LEU A 134 -11.89 2.61 -12.63
CA LEU A 134 -10.88 3.48 -12.04
C LEU A 134 -11.02 3.40 -10.52
N ARG A 135 -9.99 3.80 -9.80
CA ARG A 135 -10.04 3.78 -8.35
C ARG A 135 -11.27 4.53 -7.83
N GLU A 136 -11.59 5.67 -8.46
CA GLU A 136 -12.73 6.47 -8.03
C GLU A 136 -14.08 5.78 -8.13
N ASN A 137 -14.11 4.60 -8.75
CA ASN A 137 -15.35 3.85 -8.90
C ASN A 137 -15.30 2.47 -8.26
N ILE A 138 -14.29 2.24 -7.40
CA ILE A 138 -14.13 0.98 -6.72
C ILE A 138 -14.31 1.24 -5.22
N GLU A 139 -15.35 0.66 -4.63
CA GLU A 139 -15.63 0.88 -3.22
C GLU A 139 -14.61 0.24 -2.28
N LEU A 140 -14.32 0.96 -1.20
CA LEU A 140 -13.38 0.49 -0.19
C LEU A 140 -14.12 0.40 1.14
N GLY A 141 -13.61 -0.45 2.02
CA GLY A 141 -14.24 -0.65 3.31
C GLY A 141 -13.97 -2.07 3.76
N ASN A 142 -14.49 -2.45 4.91
CA ASN A 142 -14.26 -3.80 5.41
C ASN A 142 -14.94 -4.85 4.55
N GLY A 143 -16.09 -4.50 4.00
CA GLY A 143 -16.82 -5.43 3.13
C GLY A 143 -16.00 -5.70 1.89
N PRO A 144 -15.57 -4.65 1.18
CA PRO A 144 -14.76 -4.87 -0.03
C PRO A 144 -13.48 -5.65 0.26
N LEU A 145 -12.87 -5.41 1.41
CA LEU A 145 -11.63 -6.11 1.76
C LEU A 145 -11.89 -7.59 2.01
N GLU A 146 -12.97 -7.89 2.73
CA GLU A 146 -13.32 -9.26 3.02
C GLU A 146 -13.53 -10.02 1.71
N GLU A 147 -14.19 -9.36 0.76
CA GLU A 147 -14.46 -9.96 -0.54
C GLU A 147 -13.21 -10.08 -1.39
N ALA A 148 -12.31 -9.11 -1.25
CA ALA A 148 -11.07 -9.12 -2.02
C ALA A 148 -10.20 -10.31 -1.58
N ILE A 149 -10.22 -10.61 -0.29
CA ILE A 149 -9.44 -11.72 0.25
C ILE A 149 -9.97 -13.03 -0.35
N SER A 150 -11.28 -13.15 -0.47
CA SER A 150 -11.86 -14.36 -1.04
C SER A 150 -11.51 -14.47 -2.52
N ALA A 151 -11.55 -13.36 -3.23
CA ALA A 151 -11.23 -13.34 -4.66
C ALA A 151 -9.79 -13.78 -4.89
N LEU A 152 -8.87 -13.24 -4.10
CA LEU A 152 -7.47 -13.60 -4.24
C LEU A 152 -7.25 -15.06 -3.92
N TYR A 153 -7.95 -15.55 -2.91
CA TYR A 153 -7.81 -16.94 -2.50
C TYR A 153 -8.26 -17.94 -3.57
N TYR A 154 -9.34 -17.64 -4.27
CA TYR A 154 -9.87 -18.55 -5.29
C TYR A 154 -9.35 -18.37 -6.72
N TYR A 155 -8.37 -17.49 -6.90
CA TYR A 155 -7.84 -17.27 -8.24
C TYR A 155 -7.19 -18.51 -8.86
N SER A 156 -6.34 -19.19 -8.09
CA SER A 156 -5.64 -20.36 -8.59
C SER A 156 -6.55 -21.49 -9.06
N THR A 157 -7.77 -21.55 -8.54
CA THR A 157 -8.70 -22.60 -8.93
C THR A 157 -9.74 -22.16 -9.96
N GLY A 158 -9.53 -20.99 -10.55
CA GLY A 158 -10.45 -20.49 -11.56
C GLY A 158 -11.75 -19.91 -11.05
N GLY A 159 -11.83 -19.67 -9.74
CA GLY A 159 -13.04 -19.12 -9.18
C GLY A 159 -13.10 -17.61 -9.30
N THR A 160 -11.98 -17.00 -9.69
CA THR A 160 -11.91 -15.55 -9.82
C THR A 160 -11.46 -15.09 -11.21
N GLN A 161 -12.22 -14.17 -11.79
CA GLN A 161 -11.90 -13.64 -13.11
C GLN A 161 -10.82 -12.56 -12.96
N LEU A 162 -10.05 -12.31 -14.02
CA LEU A 162 -8.98 -11.32 -13.96
C LEU A 162 -9.44 -9.93 -13.52
N PRO A 163 -10.55 -9.42 -14.10
CA PRO A 163 -11.02 -8.10 -13.69
C PRO A 163 -11.28 -8.01 -12.19
N THR A 164 -11.87 -9.08 -11.65
CA THR A 164 -12.18 -9.14 -10.22
C THR A 164 -10.89 -9.25 -9.41
N LEU A 165 -9.91 -9.96 -9.94
CA LEU A 165 -8.64 -10.11 -9.25
C LEU A 165 -7.97 -8.75 -9.17
N ALA A 166 -7.98 -8.03 -10.28
CA ALA A 166 -7.38 -6.70 -10.37
C ALA A 166 -8.06 -5.73 -9.40
N ARG A 167 -9.39 -5.78 -9.36
CA ARG A 167 -10.12 -4.90 -8.45
C ARG A 167 -9.77 -5.22 -7.01
N SER A 168 -9.62 -6.51 -6.72
CA SER A 168 -9.28 -6.96 -5.38
C SER A 168 -7.89 -6.47 -4.96
N PHE A 169 -6.95 -6.45 -5.91
CA PHE A 169 -5.62 -5.94 -5.59
C PHE A 169 -5.74 -4.46 -5.26
N ILE A 170 -6.52 -3.74 -6.07
CA ILE A 170 -6.72 -2.32 -5.88
C ILE A 170 -7.24 -2.02 -4.48
N ILE A 171 -8.15 -2.87 -4.02
CA ILE A 171 -8.72 -2.71 -2.68
C ILE A 171 -7.67 -2.94 -1.60
N CYS A 172 -6.95 -4.05 -1.71
CA CYS A 172 -5.90 -4.39 -0.74
C CYS A 172 -4.78 -3.36 -0.67
N ILE A 173 -4.33 -2.92 -1.83
CA ILE A 173 -3.26 -1.94 -1.89
C ILE A 173 -3.60 -0.64 -1.18
N GLN A 174 -4.81 -0.15 -1.39
CA GLN A 174 -5.21 1.09 -0.74
C GLN A 174 -5.47 0.95 0.76
N MET A 175 -6.14 -0.12 1.16
CA MET A 175 -6.45 -0.30 2.58
C MET A 175 -5.26 -0.71 3.44
N ILE A 176 -4.18 -1.17 2.80
CA ILE A 176 -3.00 -1.58 3.54
C ILE A 176 -1.84 -0.62 3.28
N SER A 177 -1.34 -0.60 2.04
CA SER A 177 -0.20 0.26 1.71
C SER A 177 -0.47 1.76 1.73
N GLU A 178 -1.55 2.22 1.12
CA GLU A 178 -1.83 3.65 1.12
C GLU A 178 -2.16 4.13 2.53
N ALA A 179 -2.85 3.29 3.29
CA ALA A 179 -3.20 3.64 4.67
C ALA A 179 -1.92 3.75 5.48
N ALA A 180 -0.97 2.84 5.24
CA ALA A 180 0.29 2.89 5.96
C ALA A 180 1.06 4.17 5.60
N ARG A 181 1.02 4.56 4.33
CA ARG A 181 1.72 5.77 3.87
C ARG A 181 1.15 7.08 4.39
N PHE A 182 -0.18 7.15 4.49
CA PHE A 182 -0.85 8.37 4.89
C PHE A 182 -1.80 8.21 6.07
N GLN A 183 -1.57 8.94 7.17
CA GLN A 183 -2.50 8.85 8.30
C GLN A 183 -3.88 9.30 7.82
N TYR A 184 -3.90 10.21 6.85
CA TYR A 184 -5.14 10.72 6.32
C TYR A 184 -5.96 9.60 5.69
N ILE A 185 -5.31 8.76 4.90
CA ILE A 185 -6.01 7.66 4.25
C ILE A 185 -6.40 6.62 5.29
N GLU A 186 -5.53 6.39 6.27
CA GLU A 186 -5.83 5.45 7.33
C GLU A 186 -7.12 5.96 7.99
N GLY A 187 -7.18 7.28 8.22
CA GLY A 187 -8.35 7.86 8.84
C GLY A 187 -9.62 7.61 8.05
N GLU A 188 -9.55 7.76 6.74
CA GLU A 188 -10.71 7.53 5.88
C GLU A 188 -11.15 6.07 5.95
N MET A 189 -10.20 5.16 6.11
CA MET A 189 -10.56 3.75 6.20
C MET A 189 -11.16 3.46 7.58
N ARG A 190 -10.65 4.13 8.60
CA ARG A 190 -11.18 3.95 9.95
C ARG A 190 -12.66 4.38 9.97
N THR A 191 -12.96 5.48 9.29
CA THR A 191 -14.34 5.97 9.23
C THR A 191 -15.27 4.93 8.59
N ARG A 192 -14.81 4.31 7.51
CA ARG A 192 -15.61 3.28 6.84
C ARG A 192 -15.87 2.10 7.75
N ILE A 193 -14.86 1.70 8.51
CA ILE A 193 -14.99 0.59 9.43
C ILE A 193 -15.92 0.95 10.59
N ARG A 194 -15.72 2.14 11.15
CA ARG A 194 -16.53 2.60 12.28
C ARG A 194 -18.03 2.62 12.00
N TYR A 195 -18.42 2.95 10.78
CA TYR A 195 -19.83 3.02 10.42
C TYR A 195 -20.28 1.90 9.49
N ASN A 196 -19.42 0.91 9.29
CA ASN A 196 -19.72 -0.21 8.41
C ASN A 196 -20.27 0.25 7.08
N ARG A 197 -19.51 1.10 6.40
CA ARG A 197 -19.93 1.63 5.13
C ARG A 197 -18.85 1.40 4.09
N ARG A 198 -19.26 1.19 2.85
CA ARG A 198 -18.31 1.00 1.77
C ARG A 198 -18.54 2.14 0.80
N SER A 199 -17.45 2.74 0.34
CA SER A 199 -17.55 3.85 -0.59
C SER A 199 -16.24 4.02 -1.32
N ALA A 200 -16.32 4.51 -2.55
CA ALA A 200 -15.12 4.73 -3.36
C ALA A 200 -14.35 5.89 -2.77
N PRO A 201 -13.02 5.92 -3.00
CA PRO A 201 -12.19 7.00 -2.46
C PRO A 201 -12.48 8.34 -3.14
N ASP A 202 -12.60 9.39 -2.34
CA ASP A 202 -12.88 10.72 -2.87
C ASP A 202 -11.60 11.34 -3.44
N PRO A 203 -11.70 12.51 -4.09
CA PRO A 203 -10.52 13.14 -4.68
C PRO A 203 -9.33 13.39 -3.75
N SER A 204 -9.58 13.66 -2.47
CA SER A 204 -8.47 13.91 -1.57
C SER A 204 -7.62 12.65 -1.41
N VAL A 205 -8.27 11.50 -1.40
CA VAL A 205 -7.56 10.23 -1.27
C VAL A 205 -6.78 9.91 -2.55
N ILE A 206 -7.46 10.01 -3.69
CA ILE A 206 -6.81 9.73 -4.97
C ILE A 206 -5.61 10.65 -5.23
N THR A 207 -5.76 11.94 -4.97
CA THR A 207 -4.66 12.85 -5.23
C THR A 207 -3.47 12.61 -4.30
N LEU A 208 -3.73 12.20 -3.06
CA LEU A 208 -2.62 11.92 -2.16
C LEU A 208 -1.88 10.68 -2.67
N GLU A 209 -2.62 9.64 -3.08
CA GLU A 209 -1.98 8.43 -3.58
C GLU A 209 -1.12 8.76 -4.79
N ASN A 210 -1.66 9.56 -5.70
CA ASN A 210 -0.92 9.93 -6.90
C ASN A 210 0.27 10.85 -6.66
N SER A 211 0.25 11.57 -5.54
CA SER A 211 1.31 12.52 -5.24
C SER A 211 2.35 12.07 -4.22
N TRP A 212 2.23 10.85 -3.72
CA TRP A 212 3.17 10.35 -2.72
C TRP A 212 4.65 10.50 -3.12
N GLY A 213 4.98 10.11 -4.35
CA GLY A 213 6.35 10.21 -4.80
C GLY A 213 6.85 11.64 -4.85
N ARG A 214 6.01 12.52 -5.41
CA ARG A 214 6.31 13.94 -5.54
C ARG A 214 6.44 14.60 -4.17
N LEU A 215 5.52 14.27 -3.27
CA LEU A 215 5.55 14.85 -1.92
C LEU A 215 6.83 14.40 -1.18
N SER A 216 7.19 13.13 -1.35
CA SER A 216 8.40 12.62 -0.68
C SER A 216 9.62 13.37 -1.17
N THR A 217 9.72 13.56 -2.47
CA THR A 217 10.86 14.28 -3.04
C THR A 217 10.85 15.76 -2.63
N ALA A 218 9.68 16.39 -2.70
CA ALA A 218 9.55 17.80 -2.35
C ALA A 218 9.98 18.05 -0.90
N ILE A 219 9.55 17.20 0.01
CA ILE A 219 9.91 17.35 1.42
C ILE A 219 11.40 17.14 1.63
N GLN A 220 11.95 16.10 1.02
CA GLN A 220 13.36 15.80 1.17
C GLN A 220 14.31 16.80 0.52
N GLU A 221 13.87 17.44 -0.55
CA GLU A 221 14.69 18.43 -1.24
C GLU A 221 14.38 19.87 -0.78
N SER A 222 13.41 20.00 0.11
CA SER A 222 13.01 21.32 0.59
C SER A 222 14.12 22.08 1.28
N ASN A 223 13.96 23.40 1.33
CA ASN A 223 14.93 24.23 2.00
C ASN A 223 14.34 24.55 3.36
N GLN A 224 14.79 23.82 4.39
CA GLN A 224 14.29 24.03 5.75
C GLN A 224 12.79 23.76 5.83
N GLY A 225 12.28 22.92 4.94
CA GLY A 225 10.86 22.60 4.95
C GLY A 225 10.04 23.29 3.89
N ALA A 226 10.60 24.33 3.29
CA ALA A 226 9.90 25.10 2.25
C ALA A 226 10.12 24.50 0.85
N PHE A 227 9.03 24.28 0.14
CA PHE A 227 9.08 23.71 -1.22
C PHE A 227 9.49 24.76 -2.24
N ALA A 228 10.30 24.36 -3.22
CA ALA A 228 10.72 25.26 -4.27
C ALA A 228 9.52 25.52 -5.18
N SER A 229 8.75 24.46 -5.42
CA SER A 229 7.57 24.55 -6.25
C SER A 229 6.40 23.94 -5.50
N PRO A 230 5.27 24.65 -5.41
CA PRO A 230 4.11 24.13 -4.70
C PRO A 230 3.51 22.88 -5.34
N ILE A 231 2.91 22.04 -4.51
CA ILE A 231 2.27 20.82 -4.99
C ILE A 231 0.77 20.98 -4.83
N GLN A 232 0.05 20.67 -5.90
CA GLN A 232 -1.40 20.79 -5.89
C GLN A 232 -2.07 19.49 -5.45
N LEU A 233 -2.97 19.59 -4.47
CA LEU A 233 -3.72 18.45 -3.98
C LEU A 233 -5.19 18.82 -4.14
N GLN A 234 -6.08 17.91 -3.77
CA GLN A 234 -7.51 18.15 -3.87
C GLN A 234 -8.21 17.90 -2.54
N ARG A 235 -9.23 18.69 -2.25
CA ARG A 235 -10.00 18.49 -1.04
C ARG A 235 -11.04 17.42 -1.33
N ARG A 236 -11.80 17.02 -0.32
CA ARG A 236 -12.82 15.99 -0.52
C ARG A 236 -13.84 16.39 -1.58
N ASN A 237 -14.15 17.68 -1.67
CA ASN A 237 -15.11 18.15 -2.65
C ASN A 237 -14.51 18.38 -4.02
N GLY A 238 -13.25 18.00 -4.18
CA GLY A 238 -12.58 18.15 -5.47
C GLY A 238 -11.90 19.48 -5.71
N SER A 239 -12.07 20.43 -4.80
CA SER A 239 -11.43 21.73 -4.97
C SER A 239 -9.92 21.59 -4.83
N LYS A 240 -9.19 22.43 -5.55
CA LYS A 240 -7.72 22.42 -5.53
C LYS A 240 -7.17 23.34 -4.46
N PHE A 241 -6.00 22.98 -3.92
CA PHE A 241 -5.32 23.81 -2.94
C PHE A 241 -3.85 23.43 -3.03
N SER A 242 -2.98 24.40 -2.77
CA SER A 242 -1.55 24.17 -2.87
C SER A 242 -0.83 23.92 -1.55
N VAL A 243 0.23 23.13 -1.64
CA VAL A 243 1.07 22.79 -0.49
C VAL A 243 2.42 23.47 -0.77
N TYR A 244 2.81 24.36 0.14
CA TYR A 244 4.06 25.11 0.00
C TYR A 244 5.10 24.71 1.03
N ASP A 245 4.68 23.96 2.04
CA ASP A 245 5.57 23.60 3.14
C ASP A 245 5.29 22.22 3.70
N VAL A 246 6.29 21.61 4.32
CA VAL A 246 6.13 20.28 4.91
C VAL A 246 5.22 20.34 6.14
N SER A 247 5.17 21.48 6.79
CA SER A 247 4.38 21.66 8.01
C SER A 247 2.93 21.16 7.93
N ILE A 248 2.24 21.50 6.85
CA ILE A 248 0.85 21.12 6.68
C ILE A 248 0.66 19.63 6.39
N LEU A 249 1.74 18.94 6.05
CA LEU A 249 1.68 17.51 5.73
C LEU A 249 2.03 16.58 6.90
N ILE A 250 2.56 17.13 7.98
CA ILE A 250 2.94 16.30 9.11
C ILE A 250 1.78 15.44 9.64
N PRO A 251 0.56 15.98 9.69
CA PRO A 251 -0.57 15.19 10.18
C PRO A 251 -1.18 14.30 9.09
N ILE A 252 -0.71 14.48 7.86
CA ILE A 252 -1.23 13.77 6.70
C ILE A 252 -0.41 12.57 6.20
N ILE A 253 0.91 12.74 6.11
CA ILE A 253 1.78 11.68 5.60
C ILE A 253 2.52 11.01 6.75
N ALA A 254 2.52 9.67 6.74
CA ALA A 254 3.18 8.89 7.78
C ALA A 254 4.50 8.26 7.37
N LEU A 255 4.69 8.04 6.07
CA LEU A 255 5.91 7.42 5.55
C LEU A 255 6.28 8.04 4.19
N MET A 256 7.57 8.17 3.93
CA MET A 256 8.05 8.71 2.66
C MET A 256 9.01 7.71 2.02
N VAL A 257 9.05 7.70 0.68
CA VAL A 257 9.99 6.83 -0.01
C VAL A 257 11.32 7.58 0.01
N TYR A 258 12.42 6.86 0.20
CA TYR A 258 13.74 7.50 0.25
C TYR A 258 14.14 8.06 -1.11
N ARG A 259 14.51 9.33 -1.14
CA ARG A 259 14.92 9.97 -2.39
C ARG A 259 16.39 10.37 -2.34
N CYS A 260 16.80 10.99 -1.24
CA CYS A 260 18.18 11.42 -1.08
C CYS A 260 18.54 11.53 0.39
N ALA A 261 19.83 11.68 0.66
CA ALA A 261 20.32 11.80 2.03
C ALA A 261 19.87 13.16 2.53
N PRO A 262 19.58 13.26 3.84
CA PRO A 262 19.16 14.55 4.36
C PRO A 262 20.34 15.51 4.39
N PRO A 263 20.09 16.82 4.20
CA PRO A 263 21.18 17.80 4.22
C PRO A 263 21.73 17.95 5.63
N PRO A 264 22.94 18.49 5.77
CA PRO A 264 23.52 18.66 7.10
C PRO A 264 22.62 19.48 8.04
S SO4 B . 2.84 -2.82 -17.22
O1 SO4 B . 3.52 -2.55 -15.94
O2 SO4 B . 1.99 -4.01 -17.09
O3 SO4 B . 2.01 -1.66 -17.59
O4 SO4 B . 3.85 -3.04 -18.27
S SO4 C . -22.68 -15.31 7.94
O1 SO4 C . -22.14 -13.96 7.74
O2 SO4 C . -23.94 -15.21 8.69
O3 SO4 C . -22.95 -15.93 6.63
O4 SO4 C . -21.71 -16.14 8.67
C1 NMU D . 1.15 -1.89 -5.74
O2 NMU D . 1.51 -1.77 -4.56
N3 NMU D . 1.21 -3.09 -6.29
N4 NMU D . 0.67 -0.87 -6.49
C5 NMU D . 0.54 0.51 -5.98
#